data_3LL4
#
_entry.id   3LL4
#
_cell.length_a   83.620
_cell.length_b   84.022
_cell.length_c   101.568
_cell.angle_alpha   90.00
_cell.angle_beta   90.00
_cell.angle_gamma   90.00
#
_symmetry.space_group_name_H-M   'P 21 21 21'
#
loop_
_entity.id
_entity.type
_entity.pdbx_description
1 polymer 'Uncharacterized protein YKR043C'
2 non-polymer '1,6-FRUCTOSE DIPHOSPHATE (LINEAR FORM)'
3 water water
#
_entity_poly.entity_id   1
_entity_poly.type   'polypeptide(L)'
_entity_poly.pdbx_seq_one_letter_code
;MGSSHHHHHHSSGRENLYFQGMPSLTPRCIIVRAGQTEWSKSGQYTGLTDLPLTPYGEGQMLRTGESVFRNNQFLNPDNI
TYIFTSPRLRARQTVDLVLKPLSDEQRAKIRVVVDDDLREWEYGDYEGMLTREIIELRKSRGLDKERPWNIWRDGCENGE
TTQQIGLRLSRAIARIQNLHRKHQSEGRASDIMVFAHGHALRYFAAIWFGLGVQKKCETIEEIQNVKSYDDDTVPYVKLE
SYRHLVDNPCFLLDAGGIGVLSYAHHNIDEPALELAGPFVSPPEEESQHGDV
;
_entity_poly.pdbx_strand_id   A,B
#
# COMPACT_ATOMS: atom_id res chain seq x y z
N SER A 24 -5.41 -11.81 -20.37
CA SER A 24 -4.23 -12.29 -19.55
C SER A 24 -3.94 -11.37 -18.34
N LEU A 25 -3.47 -11.99 -17.26
CA LEU A 25 -3.33 -11.34 -15.94
C LEU A 25 -2.53 -10.06 -16.04
N THR A 26 -3.06 -8.98 -15.47
CA THR A 26 -2.30 -7.75 -15.31
C THR A 26 -0.91 -8.02 -14.74
N PRO A 27 0.12 -7.52 -15.43
CA PRO A 27 1.49 -7.55 -14.92
C PRO A 27 1.64 -6.94 -13.51
N ARG A 28 2.60 -7.46 -12.75
CA ARG A 28 2.88 -6.97 -11.40
C ARG A 28 4.38 -6.87 -11.12
N CYS A 29 4.73 -5.96 -10.22
CA CYS A 29 6.08 -5.89 -9.74
C CYS A 29 6.03 -6.25 -8.28
N ILE A 30 6.74 -7.29 -7.89
CA ILE A 30 6.67 -7.74 -6.51
C ILE A 30 7.89 -7.31 -5.73
N ILE A 31 7.73 -6.34 -4.85
CA ILE A 31 8.88 -5.85 -4.10
C ILE A 31 9.11 -6.68 -2.85
N VAL A 32 10.36 -7.01 -2.59
CA VAL A 32 10.74 -7.82 -1.45
C VAL A 32 11.95 -7.23 -0.74
N ARG A 33 11.79 -6.93 0.54
CA ARG A 33 12.87 -6.36 1.29
C ARG A 33 13.75 -7.47 1.80
N ALA A 34 15.05 -7.25 1.72
CA ALA A 34 16.02 -8.22 2.26
C ALA A 34 15.66 -8.64 3.68
N GLY A 35 15.91 -9.90 4.04
CA GLY A 35 15.55 -10.39 5.37
C GLY A 35 16.42 -9.77 6.45
N GLN A 36 16.18 -10.10 7.71
CA GLN A 36 16.88 -9.51 8.84
C GLN A 36 18.40 -9.62 8.82
N THR A 37 19.06 -8.51 9.13
CA THR A 37 20.50 -8.52 9.42
C THR A 37 20.75 -8.00 10.86
N GLU A 38 22.01 -8.05 11.32
CA GLU A 38 22.37 -7.59 12.67
C GLU A 38 22.10 -6.08 12.82
N TRP A 39 22.44 -5.33 11.79
CA TRP A 39 22.10 -3.93 11.75
C TRP A 39 20.60 -3.65 11.63
N SER A 40 19.91 -4.35 10.75
CA SER A 40 18.45 -4.06 10.55
C SER A 40 17.67 -4.39 11.83
N LYS A 41 18.00 -5.50 12.48
CA LYS A 41 17.39 -5.87 13.77
C LYS A 41 17.44 -4.70 14.77
N SER A 42 18.56 -3.98 14.78
CA SER A 42 18.81 -2.97 15.82
C SER A 42 18.65 -1.53 15.34
N GLY A 43 18.16 -1.33 14.10
CA GLY A 43 17.91 0.04 13.58
C GLY A 43 19.10 0.81 12.96
N GLN A 44 20.21 0.12 12.71
CA GLN A 44 21.41 0.73 12.15
C GLN A 44 21.30 0.83 10.64
N TYR A 45 21.75 1.94 10.08
CA TYR A 45 21.49 2.18 8.67
C TYR A 45 22.45 1.39 7.81
N THR A 46 21.92 0.38 7.11
CA THR A 46 22.72 -0.54 6.30
C THR A 46 22.57 -0.13 4.86
N GLY A 47 23.64 0.41 4.29
CA GLY A 47 23.65 0.79 2.90
C GLY A 47 24.55 -0.14 2.13
N LEU A 48 25.73 0.37 1.80
CA LEU A 48 26.78 -0.36 1.10
C LEU A 48 27.40 -1.50 1.92
N THR A 49 27.33 -1.42 3.25
CA THR A 49 27.99 -2.44 4.07
C THR A 49 27.38 -3.80 3.74
N ASP A 50 28.21 -4.71 3.27
CA ASP A 50 27.71 -5.99 2.78
C ASP A 50 27.43 -7.06 3.85
N LEU A 51 26.47 -6.79 4.73
CA LEU A 51 26.12 -7.72 5.82
C LEU A 51 25.37 -8.94 5.37
N PRO A 52 25.59 -10.09 6.04
CA PRO A 52 24.75 -11.23 5.65
C PRO A 52 23.48 -11.20 6.45
N LEU A 53 22.53 -12.05 6.06
CA LEU A 53 21.35 -12.34 6.87
C LEU A 53 21.81 -12.94 8.14
N THR A 54 21.17 -12.57 9.24
CA THR A 54 21.35 -13.35 10.48
C THR A 54 20.79 -14.74 10.26
N PRO A 55 21.17 -15.71 11.13
CA PRO A 55 20.51 -17.03 11.12
C PRO A 55 18.98 -16.92 11.27
N TYR A 56 18.50 -16.00 12.09
CA TYR A 56 17.07 -15.84 12.20
C TYR A 56 16.49 -15.35 10.87
N GLY A 57 17.15 -14.37 10.25
CA GLY A 57 16.73 -13.87 8.94
C GLY A 57 16.66 -14.91 7.81
N GLU A 58 17.57 -15.87 7.82
CA GLU A 58 17.54 -16.98 6.87
C GLU A 58 16.27 -17.75 7.07
N GLY A 59 16.01 -18.15 8.32
CA GLY A 59 14.84 -18.94 8.64
C GLY A 59 13.61 -18.19 8.18
N GLN A 60 13.62 -16.88 8.43
CA GLN A 60 12.51 -16.02 8.18
C GLN A 60 12.20 -15.98 6.69
N MET A 61 13.23 -15.89 5.86
CA MET A 61 13.05 -15.83 4.41
C MET A 61 12.68 -17.17 3.78
N LEU A 62 13.21 -18.25 4.35
CA LEU A 62 12.77 -19.61 4.04
C LEU A 62 11.25 -19.81 4.28
N ARG A 63 10.75 -19.38 5.43
CA ARG A 63 9.31 -19.48 5.76
C ARG A 63 8.44 -18.59 4.83
N THR A 64 8.98 -17.42 4.46
CA THR A 64 8.29 -16.50 3.57
C THR A 64 8.09 -17.19 2.21
N GLY A 65 9.16 -17.73 1.66
CA GLY A 65 9.06 -18.50 0.44
C GLY A 65 8.02 -19.62 0.49
N GLU A 66 7.93 -20.32 1.60
CA GLU A 66 6.96 -21.42 1.66
C GLU A 66 5.55 -20.87 1.72
N SER A 67 5.35 -19.81 2.51
CA SER A 67 4.05 -19.18 2.59
C SER A 67 3.53 -18.71 1.21
N VAL A 68 4.36 -18.01 0.46
CA VAL A 68 3.90 -17.42 -0.79
C VAL A 68 3.80 -18.40 -1.95
N PHE A 69 4.58 -19.49 -1.93
CA PHE A 69 4.52 -20.46 -3.03
C PHE A 69 3.74 -21.72 -2.72
N ARG A 70 3.75 -22.15 -1.47
CA ARG A 70 3.24 -23.50 -1.24
C ARG A 70 1.98 -23.48 -0.43
N ASN A 71 2.04 -22.82 0.72
CA ASN A 71 0.95 -22.87 1.69
C ASN A 71 -0.20 -21.97 1.27
N ASN A 72 0.13 -20.91 0.54
CA ASN A 72 -0.86 -19.92 0.13
C ASN A 72 -0.96 -19.66 -1.37
N GLN A 73 0.06 -20.05 -2.12
CA GLN A 73 0.16 -19.63 -3.50
C GLN A 73 -0.30 -18.17 -3.66
N PHE A 74 0.42 -17.23 -3.06
CA PHE A 74 0.27 -15.82 -3.38
C PHE A 74 1.04 -15.52 -4.65
N LEU A 75 2.00 -16.37 -4.96
CA LEU A 75 2.76 -16.23 -6.17
C LEU A 75 2.77 -17.51 -6.97
N ASN A 76 2.57 -17.39 -8.28
CA ASN A 76 2.67 -18.54 -9.17
C ASN A 76 3.99 -18.50 -9.98
N PRO A 77 4.86 -19.48 -9.76
CA PRO A 77 6.18 -19.49 -10.42
C PRO A 77 6.04 -19.45 -11.94
N ASP A 78 5.07 -20.17 -12.48
CA ASP A 78 4.85 -20.14 -13.92
C ASP A 78 4.71 -18.70 -14.46
N ASN A 79 4.36 -17.74 -13.61
CA ASN A 79 4.12 -16.37 -14.06
C ASN A 79 5.27 -15.41 -13.85
N ILE A 80 6.29 -15.85 -13.11
CA ILE A 80 7.49 -15.03 -12.87
C ILE A 80 8.38 -15.09 -14.12
N THR A 81 8.73 -13.92 -14.62
CA THR A 81 9.54 -13.82 -15.80
C THR A 81 10.93 -13.36 -15.38
N TYR A 82 11.00 -12.32 -14.55
CA TYR A 82 12.26 -11.73 -14.13
C TYR A 82 12.34 -11.50 -12.64
N ILE A 83 13.55 -11.69 -12.11
CA ILE A 83 13.85 -11.31 -10.72
C ILE A 83 14.98 -10.33 -10.76
N PHE A 84 14.75 -9.10 -10.31
CA PHE A 84 15.80 -8.08 -10.19
C PHE A 84 16.24 -8.04 -8.74
N THR A 85 17.55 -7.94 -8.51
CA THR A 85 18.08 -7.87 -7.13
C THR A 85 19.21 -6.90 -6.99
N SER A 86 19.23 -6.19 -5.86
CA SER A 86 20.35 -5.37 -5.47
C SER A 86 21.55 -6.26 -5.51
N PRO A 87 22.75 -5.68 -5.72
CA PRO A 87 23.94 -6.53 -5.70
C PRO A 87 24.40 -6.97 -4.30
N ARG A 88 23.79 -6.40 -3.24
CA ARG A 88 24.18 -6.76 -1.86
C ARG A 88 23.91 -8.21 -1.56
N LEU A 89 24.83 -8.80 -0.79
CA LEU A 89 24.74 -10.19 -0.40
C LEU A 89 23.37 -10.50 0.22
N ARG A 90 22.88 -9.65 1.12
CA ARG A 90 21.67 -9.93 1.88
C ARG A 90 20.43 -9.99 0.98
N ALA A 91 20.39 -9.14 -0.04
CA ALA A 91 19.37 -9.21 -1.07
C ALA A 91 19.47 -10.50 -1.89
N ARG A 92 20.69 -10.84 -2.33
CA ARG A 92 20.87 -12.05 -3.14
C ARG A 92 20.53 -13.30 -2.31
N GLN A 93 20.98 -13.33 -1.05
CA GLN A 93 20.65 -14.43 -0.14
C GLN A 93 19.14 -14.58 0.01
N THR A 94 18.46 -13.44 0.02
CA THR A 94 17.01 -13.39 0.15
C THR A 94 16.31 -13.97 -1.07
N VAL A 95 16.87 -13.74 -2.24
CA VAL A 95 16.42 -14.35 -3.48
C VAL A 95 16.52 -15.86 -3.38
N ASP A 96 17.68 -16.38 -2.94
CA ASP A 96 17.88 -17.83 -2.88
C ASP A 96 16.87 -18.51 -1.96
N LEU A 97 16.73 -17.97 -0.75
CA LEU A 97 15.88 -18.57 0.24
C LEU A 97 14.38 -18.47 -0.15
N VAL A 98 13.91 -17.28 -0.54
CA VAL A 98 12.52 -17.13 -1.00
C VAL A 98 12.12 -18.02 -2.19
N LEU A 99 13.07 -18.32 -3.08
CA LEU A 99 12.78 -19.17 -4.26
C LEU A 99 13.08 -20.64 -4.07
N LYS A 100 13.58 -21.02 -2.89
CA LYS A 100 13.81 -22.44 -2.57
C LYS A 100 12.63 -23.39 -2.93
N PRO A 101 11.37 -23.01 -2.69
CA PRO A 101 10.32 -23.99 -3.04
C PRO A 101 10.17 -24.34 -4.52
N LEU A 102 10.81 -23.61 -5.42
CA LEU A 102 10.67 -23.85 -6.86
C LEU A 102 11.42 -25.10 -7.30
N SER A 103 10.88 -25.81 -8.31
CA SER A 103 11.57 -26.93 -8.93
C SER A 103 12.64 -26.38 -9.87
N ASP A 104 13.52 -27.26 -10.33
CA ASP A 104 14.57 -26.89 -11.27
C ASP A 104 13.98 -26.38 -12.56
N GLU A 105 12.93 -27.05 -13.00
CA GLU A 105 12.15 -26.64 -14.16
C GLU A 105 11.61 -25.21 -14.08
N GLN A 106 10.95 -24.86 -12.99
CA GLN A 106 10.45 -23.49 -12.78
C GLN A 106 11.58 -22.42 -12.79
N ARG A 107 12.69 -22.73 -12.11
CA ARG A 107 13.86 -21.84 -12.03
C ARG A 107 14.48 -21.55 -13.39
N ALA A 108 14.53 -22.57 -14.24
CA ALA A 108 15.18 -22.49 -15.55
C ALA A 108 14.53 -21.46 -16.49
N LYS A 109 13.26 -21.18 -16.22
CA LYS A 109 12.51 -20.29 -17.05
C LYS A 109 12.55 -18.90 -16.47
N ILE A 110 13.09 -18.72 -15.27
CA ILE A 110 13.10 -17.39 -14.66
C ILE A 110 14.48 -16.77 -14.83
N ARG A 111 14.53 -15.51 -15.26
CA ARG A 111 15.85 -14.85 -15.44
C ARG A 111 16.11 -13.97 -14.23
N VAL A 112 17.36 -14.02 -13.76
CA VAL A 112 17.81 -13.32 -12.57
C VAL A 112 18.84 -12.25 -12.95
N VAL A 113 18.60 -11.02 -12.54
CA VAL A 113 19.43 -9.90 -12.98
C VAL A 113 19.93 -9.10 -11.77
N VAL A 114 21.24 -8.99 -11.64
CA VAL A 114 21.81 -8.12 -10.65
C VAL A 114 21.85 -6.65 -11.17
N ASP A 115 21.13 -5.77 -10.49
CA ASP A 115 21.02 -4.37 -10.91
C ASP A 115 21.51 -3.40 -9.82
N ASP A 116 22.69 -2.83 -10.02
CA ASP A 116 23.27 -1.82 -9.13
C ASP A 116 22.31 -0.62 -8.89
N ASP A 117 21.38 -0.34 -9.82
CA ASP A 117 20.41 0.74 -9.59
C ASP A 117 19.47 0.42 -8.43
N LEU A 118 19.49 -0.82 -7.93
CA LEU A 118 18.59 -1.21 -6.84
C LEU A 118 19.27 -1.28 -5.47
N ARG A 119 20.51 -0.83 -5.38
CA ARG A 119 21.19 -0.73 -4.09
C ARG A 119 20.47 0.25 -3.14
N GLU A 120 20.78 0.12 -1.86
CA GLU A 120 20.16 0.99 -0.89
C GLU A 120 20.66 2.43 -1.10
N TRP A 121 19.93 3.38 -0.52
CA TRP A 121 20.35 4.78 -0.39
C TRP A 121 21.80 4.81 0.11
N GLU A 122 22.66 5.55 -0.56
CA GLU A 122 24.01 5.64 -0.04
C GLU A 122 24.03 6.57 1.15
N TYR A 123 24.26 6.00 2.33
CA TYR A 123 24.24 6.78 3.59
C TYR A 123 25.50 7.63 3.83
N GLY A 124 26.60 7.34 3.14
CA GLY A 124 27.84 8.07 3.33
C GLY A 124 28.19 8.12 4.80
N ASP A 125 28.29 9.32 5.36
CA ASP A 125 28.74 9.50 6.76
C ASP A 125 27.87 8.74 7.74
N TYR A 126 26.63 8.48 7.37
CA TYR A 126 25.67 7.91 8.32
C TYR A 126 25.66 6.38 8.40
N GLU A 127 26.48 5.73 7.59
CA GLU A 127 26.52 4.29 7.53
C GLU A 127 26.65 3.67 8.91
N GLY A 128 25.74 2.74 9.20
CA GLY A 128 25.73 1.97 10.46
C GLY A 128 25.35 2.76 11.70
N MET A 129 24.81 3.97 11.50
CA MET A 129 24.35 4.80 12.60
C MET A 129 22.85 4.61 12.88
N LEU A 130 22.39 5.08 14.04
CA LEU A 130 20.94 5.14 14.34
C LEU A 130 20.37 6.51 13.99
N THR A 131 19.09 6.55 13.62
CA THR A 131 18.39 7.81 13.38
C THR A 131 18.78 8.89 14.39
N ARG A 132 18.62 8.60 15.68
CA ARG A 132 18.91 9.61 16.72
C ARG A 132 20.37 10.07 16.76
N GLU A 133 21.25 9.14 16.41
CA GLU A 133 22.66 9.48 16.29
C GLU A 133 22.90 10.40 15.11
N ILE A 134 22.23 10.14 14.00
CA ILE A 134 22.35 10.97 12.83
C ILE A 134 21.87 12.42 13.16
N ILE A 135 20.68 12.53 13.76
CA ILE A 135 20.19 13.81 14.26
C ILE A 135 21.22 14.54 15.16
N GLU A 136 21.84 13.81 16.11
CA GLU A 136 22.85 14.41 17.03
C GLU A 136 24.09 14.87 16.24
N LEU A 137 24.48 14.07 15.25
CA LEU A 137 25.70 14.33 14.48
C LEU A 137 25.50 15.59 13.63
N ARG A 138 24.36 15.67 12.94
CA ARG A 138 23.98 16.84 12.15
C ARG A 138 23.80 18.12 12.98
N LYS A 139 23.11 18.02 14.11
CA LYS A 139 22.94 19.16 15.03
C LYS A 139 24.32 19.70 15.41
N SER A 140 25.28 18.80 15.59
CA SER A 140 26.64 19.21 15.99
C SER A 140 27.44 19.85 14.84
N ARG A 141 27.04 19.56 13.60
CA ARG A 141 27.64 20.23 12.44
C ARG A 141 26.88 21.52 12.12
N GLY A 142 25.87 21.83 12.92
CA GLY A 142 25.17 23.11 12.79
C GLY A 142 24.10 23.12 11.71
N LEU A 143 23.63 21.93 11.31
CA LEU A 143 22.57 21.80 10.32
C LEU A 143 21.21 21.63 11.02
N ASP A 144 20.13 21.70 10.24
CA ASP A 144 18.79 21.40 10.74
C ASP A 144 18.35 22.42 11.79
N LYS A 145 18.81 23.68 11.66
CA LYS A 145 18.36 24.71 12.60
C LYS A 145 16.91 25.17 12.37
N GLU A 146 16.47 25.19 11.11
CA GLU A 146 15.11 25.63 10.78
C GLU A 146 14.05 24.51 10.85
N ARG A 147 14.47 23.25 10.61
CA ARG A 147 13.54 22.12 10.60
C ARG A 147 14.31 20.81 10.72
N PRO A 148 13.64 19.72 11.16
CA PRO A 148 14.39 18.46 11.30
C PRO A 148 14.90 17.90 9.96
N TRP A 149 16.06 17.24 10.02
CA TRP A 149 16.56 16.42 8.91
C TRP A 149 15.47 15.48 8.40
N ASN A 150 15.38 15.34 7.09
CA ASN A 150 14.37 14.51 6.47
C ASN A 150 15.07 13.89 5.27
N ILE A 151 15.46 12.64 5.43
CA ILE A 151 16.29 11.96 4.41
C ILE A 151 15.70 12.10 3.02
N TRP A 152 14.37 11.98 2.92
CA TRP A 152 13.61 12.05 1.66
C TRP A 152 13.72 13.37 0.93
N ARG A 153 14.06 14.43 1.66
CA ARG A 153 14.30 15.75 1.12
C ARG A 153 15.79 16.03 1.05
N ASP A 154 16.50 15.76 2.15
CA ASP A 154 17.89 16.21 2.34
C ASP A 154 19.00 15.28 1.89
N GLY A 155 18.73 13.97 1.78
CA GLY A 155 19.78 12.98 1.53
C GLY A 155 20.74 12.86 2.71
N CYS A 156 21.97 12.42 2.43
CA CYS A 156 23.01 12.16 3.43
C CYS A 156 24.33 12.84 3.08
N GLU A 157 24.94 13.54 4.03
CA GLU A 157 26.30 14.06 3.82
C GLU A 157 27.21 12.97 3.27
N ASN A 158 27.93 13.26 2.18
CA ASN A 158 28.84 12.31 1.50
C ASN A 158 28.18 11.04 0.98
N GLY A 159 26.86 11.05 0.94
CA GLY A 159 26.09 9.98 0.34
C GLY A 159 25.25 10.56 -0.78
N GLU A 160 24.13 9.92 -1.04
CA GLU A 160 23.26 10.30 -2.14
C GLU A 160 22.26 11.37 -1.73
N THR A 161 22.02 12.35 -2.62
CA THR A 161 20.84 13.24 -2.52
C THR A 161 19.57 12.44 -2.90
N THR A 162 18.40 13.04 -2.67
CA THR A 162 17.16 12.37 -3.02
C THR A 162 17.00 12.25 -4.53
N GLN A 163 17.50 13.24 -5.26
CA GLN A 163 17.53 13.23 -6.71
C GLN A 163 18.26 12.01 -7.24
N GLN A 164 19.46 11.82 -6.71
CA GLN A 164 20.28 10.70 -7.12
C GLN A 164 19.61 9.35 -6.96
N ILE A 165 18.98 9.12 -5.82
CA ILE A 165 18.26 7.85 -5.66
C ILE A 165 17.00 7.79 -6.55
N GLY A 166 16.24 8.87 -6.59
CA GLY A 166 15.07 8.94 -7.43
C GLY A 166 15.36 8.69 -8.90
N LEU A 167 16.48 9.25 -9.38
CA LEU A 167 16.93 9.04 -10.76
C LEU A 167 17.22 7.57 -11.04
N ARG A 168 18.03 6.92 -10.20
CA ARG A 168 18.39 5.53 -10.49
C ARG A 168 17.22 4.55 -10.34
N LEU A 169 16.28 4.86 -9.43
CA LEU A 169 15.14 3.95 -9.22
C LEU A 169 14.16 4.09 -10.40
N SER A 170 14.06 5.35 -10.89
CA SER A 170 13.27 5.66 -12.08
C SER A 170 13.76 4.91 -13.27
N ARG A 171 15.06 4.80 -13.47
CA ARG A 171 15.58 4.02 -14.58
C ARG A 171 15.17 2.54 -14.46
N ALA A 172 15.24 1.97 -13.26
CA ALA A 172 14.90 0.53 -13.07
C ALA A 172 13.37 0.29 -13.29
N ILE A 173 12.58 1.26 -12.81
CA ILE A 173 11.13 1.23 -12.98
C ILE A 173 10.78 1.22 -14.48
N ALA A 174 11.44 2.09 -15.24
CA ALA A 174 11.23 2.19 -16.67
C ALA A 174 11.63 0.89 -17.34
N ARG A 175 12.68 0.26 -16.86
CA ARG A 175 13.06 -0.98 -17.48
C ARG A 175 12.01 -2.07 -17.21
N ILE A 176 11.52 -2.08 -15.98
CA ILE A 176 10.60 -3.10 -15.54
C ILE A 176 9.25 -2.91 -16.24
N GLN A 177 8.74 -1.69 -16.24
CA GLN A 177 7.47 -1.42 -16.89
C GLN A 177 7.55 -1.68 -18.40
N ASN A 178 8.72 -1.45 -19.00
CA ASN A 178 8.91 -1.75 -20.43
C ASN A 178 8.87 -3.28 -20.72
N LEU A 179 9.45 -4.07 -19.82
CA LEU A 179 9.30 -5.52 -19.93
C LEU A 179 7.84 -5.94 -19.74
N HIS A 180 7.10 -5.18 -18.90
CA HIS A 180 5.72 -5.52 -18.58
C HIS A 180 4.89 -5.33 -19.82
N ARG A 181 5.14 -4.20 -20.48
CA ARG A 181 4.45 -3.84 -21.70
C ARG A 181 4.79 -4.79 -22.85
N LYS A 182 6.07 -5.11 -23.01
N LYS A 182 6.07 -5.11 -23.01
CA LYS A 182 6.49 -6.11 -24.01
CA LYS A 182 6.51 -6.10 -23.99
C LYS A 182 5.80 -7.46 -23.76
C LYS A 182 5.80 -7.45 -23.76
N HIS A 183 5.74 -7.89 -22.49
CA HIS A 183 5.12 -9.19 -22.15
C HIS A 183 3.60 -9.24 -22.38
N GLN A 184 2.86 -8.27 -21.82
CA GLN A 184 1.45 -8.11 -22.05
C GLN A 184 1.16 -8.10 -23.55
N SER A 185 1.99 -7.42 -24.34
CA SER A 185 1.75 -7.47 -25.79
C SER A 185 2.12 -8.81 -26.50
N GLU A 186 2.89 -9.67 -25.82
CA GLU A 186 3.17 -11.06 -26.28
C GLU A 186 2.10 -12.02 -25.76
N GLY A 187 1.14 -11.50 -24.99
CA GLY A 187 0.05 -12.30 -24.43
C GLY A 187 0.40 -13.09 -23.18
N ARG A 188 1.50 -12.76 -22.48
CA ARG A 188 1.81 -13.53 -21.25
C ARG A 188 1.66 -12.77 -19.98
N ALA A 189 1.37 -13.52 -18.90
CA ALA A 189 1.46 -12.97 -17.56
C ALA A 189 2.92 -12.55 -17.29
N SER A 190 3.10 -11.50 -16.48
CA SER A 190 4.43 -11.11 -16.00
C SER A 190 4.47 -10.56 -14.54
N ASP A 191 4.89 -11.44 -13.62
CA ASP A 191 5.35 -11.04 -12.32
C ASP A 191 6.85 -10.89 -12.40
N ILE A 192 7.31 -9.71 -11.99
CA ILE A 192 8.72 -9.39 -11.96
C ILE A 192 9.00 -9.02 -10.52
N MET A 193 9.98 -9.67 -9.93
CA MET A 193 10.29 -9.45 -8.54
C MET A 193 11.46 -8.51 -8.42
N VAL A 194 11.42 -7.70 -7.36
CA VAL A 194 12.52 -6.78 -7.10
C VAL A 194 12.96 -6.97 -5.65
N PHE A 195 14.15 -7.53 -5.45
CA PHE A 195 14.67 -7.69 -4.10
C PHE A 195 15.65 -6.58 -3.80
N ALA A 196 15.34 -5.77 -2.79
CA ALA A 196 16.24 -4.68 -2.45
C ALA A 196 16.18 -4.34 -0.97
N HIS A 197 16.04 -3.05 -0.64
CA HIS A 197 16.28 -2.54 0.70
C HIS A 197 15.17 -1.63 1.15
N GLY A 198 15.19 -1.30 2.45
CA GLY A 198 14.07 -0.65 3.10
C GLY A 198 13.84 0.75 2.59
N HIS A 199 14.88 1.53 2.36
CA HIS A 199 14.63 2.89 1.86
C HIS A 199 14.33 2.81 0.36
N ALA A 200 15.21 2.13 -0.37
CA ALA A 200 15.10 2.00 -1.81
C ALA A 200 13.70 1.53 -2.26
N LEU A 201 13.13 0.51 -1.58
CA LEU A 201 11.85 -0.07 -2.00
C LEU A 201 10.65 0.80 -1.63
N ARG A 202 10.69 1.45 -0.47
CA ARG A 202 9.65 2.41 -0.13
C ARG A 202 9.66 3.57 -1.12
N TYR A 203 10.87 4.01 -1.47
CA TYR A 203 11.06 5.06 -2.44
C TYR A 203 10.50 4.61 -3.81
N PHE A 204 10.96 3.42 -4.25
CA PHE A 204 10.55 2.73 -5.46
C PHE A 204 9.00 2.66 -5.55
N ALA A 205 8.37 2.19 -4.47
CA ALA A 205 6.92 2.11 -4.44
C ALA A 205 6.28 3.51 -4.54
N ALA A 206 6.86 4.50 -3.86
CA ALA A 206 6.27 5.84 -3.85
C ALA A 206 6.22 6.43 -5.25
N ILE A 207 7.32 6.37 -6.00
CA ILE A 207 7.35 6.95 -7.36
C ILE A 207 6.60 6.08 -8.40
N TRP A 208 6.62 4.75 -8.18
CA TRP A 208 5.86 3.85 -9.04
C TRP A 208 4.45 4.39 -9.33
N PHE A 209 3.75 4.76 -8.25
CA PHE A 209 2.34 5.13 -8.40
C PHE A 209 2.11 6.63 -8.39
N GLY A 210 3.19 7.41 -8.47
CA GLY A 210 3.11 8.83 -8.84
C GLY A 210 3.38 9.85 -7.77
N LEU A 211 3.88 9.44 -6.62
CA LEU A 211 4.29 10.41 -5.59
C LEU A 211 5.51 11.25 -6.03
N GLY A 212 5.84 12.29 -5.25
CA GLY A 212 7.01 13.13 -5.55
C GLY A 212 6.80 14.03 -6.74
N VAL A 213 7.88 14.45 -7.38
CA VAL A 213 7.82 15.41 -8.50
C VAL A 213 8.52 14.89 -9.78
N GLN A 214 8.07 15.41 -10.90
CA GLN A 214 8.65 15.14 -12.22
C GLN A 214 9.76 16.16 -12.53
N LYS A 215 10.89 15.64 -12.99
CA LYS A 215 12.10 16.41 -13.28
C LYS A 215 12.58 15.94 -14.64
N LYS A 216 12.76 16.89 -15.53
CA LYS A 216 13.32 16.63 -16.83
C LYS A 216 14.78 16.16 -16.62
N CYS A 217 15.23 15.21 -17.43
CA CYS A 217 16.66 14.84 -17.44
C CYS A 217 17.45 15.87 -18.25
N GLU A 218 18.37 16.58 -17.57
CA GLU A 218 19.08 17.68 -18.19
C GLU A 218 20.58 17.71 -17.89
N THR A 219 20.94 17.51 -16.62
CA THR A 219 22.35 17.60 -16.22
C THR A 219 23.12 16.39 -16.76
N ILE A 220 24.44 16.44 -16.69
CA ILE A 220 25.25 15.32 -17.18
C ILE A 220 24.87 13.99 -16.46
N GLU A 221 24.82 14.03 -15.12
CA GLU A 221 24.36 12.87 -14.30
C GLU A 221 23.02 12.27 -14.77
N GLU A 222 22.04 13.14 -14.97
CA GLU A 222 20.69 12.75 -15.35
C GLU A 222 20.56 12.09 -16.73
N ILE A 223 21.51 12.35 -17.63
CA ILE A 223 21.41 11.87 -19.01
C ILE A 223 22.18 10.56 -19.27
N GLN A 224 23.35 10.41 -18.68
CA GLN A 224 24.24 9.30 -19.03
C GLN A 224 23.69 7.89 -18.76
N ASN A 225 24.13 6.96 -19.62
CA ASN A 225 23.95 5.53 -19.44
C ASN A 225 24.97 5.08 -18.39
N VAL A 226 24.50 4.56 -17.27
CA VAL A 226 25.42 4.23 -16.21
C VAL A 226 25.91 2.78 -16.25
N LYS A 227 25.20 1.89 -16.95
CA LYS A 227 25.59 0.45 -17.10
C LYS A 227 25.61 -0.25 -15.73
N SER A 228 24.44 -0.38 -15.12
CA SER A 228 24.34 -0.79 -13.72
C SER A 228 23.93 -2.26 -13.60
N TYR A 229 23.56 -2.84 -14.74
CA TYR A 229 23.25 -4.26 -14.83
C TYR A 229 23.87 -4.78 -16.11
N ASP A 230 24.03 -6.08 -16.21
CA ASP A 230 24.56 -6.69 -17.43
C ASP A 230 23.68 -7.89 -17.78
N ASP A 231 22.68 -7.64 -18.61
CA ASP A 231 21.82 -8.69 -19.16
C ASP A 231 21.13 -8.15 -20.43
N ASP A 232 21.58 -8.63 -21.59
CA ASP A 232 21.10 -8.15 -22.88
C ASP A 232 19.59 -8.33 -23.13
N THR A 233 18.95 -9.26 -22.41
CA THR A 233 17.48 -9.45 -22.56
C THR A 233 16.63 -8.34 -21.90
N VAL A 234 17.29 -7.46 -21.13
CA VAL A 234 16.61 -6.29 -20.55
C VAL A 234 16.96 -5.00 -21.33
N PRO A 235 16.07 -4.57 -22.24
CA PRO A 235 16.33 -3.31 -22.95
C PRO A 235 16.54 -2.17 -21.96
N TYR A 236 17.59 -1.39 -22.22
CA TYR A 236 17.86 -0.15 -21.50
C TYR A 236 16.81 0.83 -21.99
N VAL A 237 16.24 1.60 -21.05
CA VAL A 237 15.34 2.69 -21.43
C VAL A 237 15.98 4.03 -21.05
N LYS A 238 16.11 4.93 -22.02
CA LYS A 238 16.74 6.21 -21.77
C LYS A 238 15.66 7.20 -21.41
N LEU A 239 15.68 7.64 -20.15
CA LEU A 239 14.66 8.56 -19.64
C LEU A 239 14.76 9.99 -20.21
N GLU A 240 13.62 10.53 -20.65
CA GLU A 240 13.48 11.98 -20.95
C GLU A 240 13.35 12.78 -19.63
N SER A 241 12.77 12.12 -18.63
CA SER A 241 12.51 12.73 -17.36
C SER A 241 12.38 11.64 -16.31
N TYR A 242 12.51 12.02 -15.03
CA TYR A 242 12.41 11.07 -13.91
C TYR A 242 11.59 11.64 -12.73
N ARG A 243 11.21 10.78 -11.77
CA ARG A 243 10.57 11.21 -10.52
C ARG A 243 11.52 11.08 -9.34
N HIS A 244 11.35 11.94 -8.35
CA HIS A 244 12.04 11.81 -7.07
C HIS A 244 11.13 12.39 -5.98
N LEU A 245 11.40 12.00 -4.73
CA LEU A 245 10.60 12.50 -3.59
C LEU A 245 11.20 13.76 -3.02
N VAL A 246 10.36 14.58 -2.39
CA VAL A 246 10.81 15.72 -1.61
C VAL A 246 10.39 15.64 -0.14
N ASP A 247 9.75 14.53 0.24
CA ASP A 247 9.18 14.36 1.59
C ASP A 247 8.98 12.86 1.85
N ASN A 248 8.71 12.51 3.11
CA ASN A 248 8.45 11.12 3.53
C ASN A 248 7.20 10.56 2.88
N PRO A 249 7.29 9.41 2.23
CA PRO A 249 6.00 8.99 1.72
C PRO A 249 5.15 8.24 2.76
N CYS A 250 5.73 7.91 3.92
CA CYS A 250 5.02 7.29 5.08
C CYS A 250 4.57 5.90 4.84
N PHE A 251 5.50 5.05 4.40
CA PHE A 251 5.25 3.66 4.18
C PHE A 251 5.95 2.89 5.26
N LEU A 252 5.37 1.76 5.65
CA LEU A 252 6.05 0.73 6.46
C LEU A 252 6.41 -0.42 5.55
N LEU A 253 7.64 -0.92 5.71
CA LEU A 253 8.06 -2.15 5.05
C LEU A 253 9.14 -2.74 5.88
N ASP A 254 8.77 -3.82 6.53
CA ASP A 254 9.69 -4.51 7.38
C ASP A 254 10.70 -5.33 6.61
N ALA A 255 11.79 -5.70 7.30
CA ALA A 255 12.72 -6.72 6.81
C ALA A 255 11.93 -7.92 6.31
N GLY A 256 12.22 -8.38 5.10
CA GLY A 256 11.53 -9.54 4.51
C GLY A 256 10.07 -9.31 4.14
N GLY A 257 9.62 -8.06 4.23
CA GLY A 257 8.28 -7.62 3.79
C GLY A 257 8.10 -7.61 2.27
N ILE A 258 6.85 -7.83 1.86
CA ILE A 258 6.56 -8.02 0.46
C ILE A 258 5.46 -7.06 0.08
N GLY A 259 5.68 -6.29 -0.97
CA GLY A 259 4.65 -5.36 -1.44
C GLY A 259 4.36 -5.70 -2.88
N VAL A 260 3.30 -5.10 -3.42
CA VAL A 260 2.88 -5.40 -4.78
C VAL A 260 2.53 -4.13 -5.55
N LEU A 261 3.20 -3.95 -6.70
CA LEU A 261 2.90 -2.84 -7.57
C LEU A 261 2.37 -3.34 -8.90
N SER A 262 1.39 -2.62 -9.45
CA SER A 262 0.73 -3.08 -10.65
C SER A 262 0.16 -1.87 -11.38
N TYR A 263 -0.97 -2.08 -12.03
CA TYR A 263 -1.59 -1.16 -12.97
C TYR A 263 -3.10 -1.31 -12.86
N ALA A 264 -3.84 -0.22 -13.04
CA ALA A 264 -5.32 -0.24 -13.14
C ALA A 264 -5.76 -0.51 -14.58
N HIS A 265 -6.89 -1.18 -14.75
CA HIS A 265 -7.46 -1.44 -16.09
C HIS A 265 -6.49 -2.01 -17.14
N HIS A 266 -5.59 -2.89 -16.72
CA HIS A 266 -4.71 -3.64 -17.66
C HIS A 266 -3.86 -2.68 -18.48
N ASN A 267 -3.60 -1.50 -17.92
CA ASN A 267 -2.94 -0.46 -18.67
C ASN A 267 -1.61 -0.01 -18.02
N ILE A 268 -0.50 -0.31 -18.71
CA ILE A 268 0.81 0.07 -18.21
C ILE A 268 0.97 1.59 -17.99
N ASP A 269 0.10 2.38 -18.60
CA ASP A 269 0.15 3.85 -18.40
C ASP A 269 -0.53 4.31 -17.11
N GLU A 270 -1.12 3.37 -16.37
CA GLU A 270 -1.82 3.66 -15.11
C GLU A 270 -1.20 2.91 -13.94
N PRO A 271 0.09 3.12 -13.64
CA PRO A 271 0.65 2.29 -12.56
C PRO A 271 -0.06 2.61 -11.23
N ALA A 272 -0.23 1.57 -10.41
CA ALA A 272 -1.00 1.68 -9.19
C ALA A 272 -0.34 0.84 -8.09
N LEU A 273 -0.61 1.25 -6.85
CA LEU A 273 -0.20 0.48 -5.68
C LEU A 273 -1.31 -0.55 -5.28
N GLU A 274 -0.95 -1.82 -5.17
CA GLU A 274 -1.89 -2.82 -4.65
C GLU A 274 -1.97 -2.71 -3.11
N LEU A 275 -3.11 -2.28 -2.59
CA LEU A 275 -3.28 -2.16 -1.15
C LEU A 275 -3.23 -3.51 -0.37
N ALA A 276 -3.50 -4.62 -1.06
CA ALA A 276 -3.49 -5.94 -0.40
C ALA A 276 -2.09 -6.54 -0.33
N GLY A 277 -1.08 -5.76 -0.70
CA GLY A 277 0.26 -6.31 -0.93
C GLY A 277 0.06 -7.64 -1.64
N PRO A 278 0.68 -8.74 -1.17
CA PRO A 278 0.58 -9.96 -1.95
C PRO A 278 -0.64 -10.82 -1.62
N PHE A 279 -1.46 -10.40 -0.66
CA PHE A 279 -2.60 -11.21 -0.28
C PHE A 279 -3.67 -11.26 -1.37
N VAL A 280 -4.24 -12.45 -1.59
CA VAL A 280 -5.44 -12.61 -2.42
C VAL A 280 -6.26 -13.69 -1.76
N SER A 281 -7.60 -13.57 -1.83
CA SER A 281 -8.44 -14.58 -1.22
C SER A 281 -8.20 -15.91 -1.90
N PRO A 282 -8.22 -17.00 -1.11
CA PRO A 282 -8.02 -18.33 -1.68
C PRO A 282 -9.06 -18.62 -2.76
N PRO A 283 -8.62 -19.18 -3.91
CA PRO A 283 -9.52 -19.66 -4.98
C PRO A 283 -10.60 -20.64 -4.53
N GLU A 284 -11.71 -20.64 -5.26
CA GLU A 284 -12.78 -21.62 -5.08
C GLU A 284 -12.25 -23.01 -5.42
N SER B 24 4.23 -2.99 23.54
CA SER B 24 2.95 -3.58 23.01
C SER B 24 2.76 -3.22 21.53
N LEU B 25 2.20 -4.18 20.77
CA LEU B 25 2.14 -4.12 19.30
C LEU B 25 1.57 -2.81 18.79
N THR B 26 2.25 -2.18 17.82
CA THR B 26 1.71 -0.97 17.17
C THR B 26 0.26 -1.21 16.71
N PRO B 27 -0.66 -0.33 17.10
CA PRO B 27 -2.03 -0.39 16.61
C PRO B 27 -2.15 -0.38 15.05
N ARG B 28 -3.21 -1.01 14.55
CA ARG B 28 -3.44 -1.12 13.10
C ARG B 28 -4.91 -0.89 12.78
N CYS B 29 -5.15 -0.36 11.58
CA CYS B 29 -6.47 -0.28 11.04
C CYS B 29 -6.52 -1.22 9.86
N ILE B 30 -7.37 -2.22 9.92
CA ILE B 30 -7.44 -3.20 8.84
C ILE B 30 -8.63 -2.91 7.92
N ILE B 31 -8.36 -2.44 6.71
CA ILE B 31 -9.45 -2.14 5.77
C ILE B 31 -9.83 -3.36 4.92
N VAL B 32 -11.14 -3.60 4.80
CA VAL B 32 -11.62 -4.76 4.08
C VAL B 32 -12.75 -4.33 3.18
N ARG B 33 -12.59 -4.56 1.90
CA ARG B 33 -13.62 -4.20 0.97
C ARG B 33 -14.70 -5.27 0.93
N ALA B 34 -15.95 -4.82 0.80
CA ALA B 34 -17.06 -5.75 0.70
C ALA B 34 -16.79 -6.77 -0.38
N GLY B 35 -17.23 -8.02 -0.19
CA GLY B 35 -17.03 -9.05 -1.22
C GLY B 35 -17.88 -8.81 -2.47
N GLN B 36 -17.71 -9.67 -3.48
CA GLN B 36 -18.33 -9.52 -4.81
C GLN B 36 -19.85 -9.37 -4.82
N THR B 37 -20.32 -8.40 -5.60
CA THR B 37 -21.74 -8.27 -5.91
C THR B 37 -21.93 -8.42 -7.43
N GLU B 38 -23.19 -8.55 -7.88
CA GLU B 38 -23.54 -8.55 -9.30
C GLU B 38 -23.03 -7.32 -10.07
N TRP B 39 -23.21 -6.15 -9.46
CA TRP B 39 -22.64 -4.91 -9.96
C TRP B 39 -21.11 -4.78 -9.89
N SER B 40 -20.49 -5.12 -8.75
CA SER B 40 -19.00 -5.06 -8.65
C SER B 40 -18.31 -6.01 -9.66
N LYS B 41 -18.90 -7.19 -9.86
CA LYS B 41 -18.41 -8.18 -10.84
C LYS B 41 -18.32 -7.58 -12.25
N SER B 42 -19.34 -6.82 -12.63
CA SER B 42 -19.41 -6.25 -13.96
C SER B 42 -19.00 -4.77 -14.07
N GLY B 43 -18.41 -4.21 -12.99
CA GLY B 43 -17.94 -2.80 -13.04
C GLY B 43 -18.97 -1.67 -12.86
N GLN B 44 -20.17 -2.01 -12.41
CA GLN B 44 -21.23 -1.04 -12.22
C GLN B 44 -21.08 -0.37 -10.87
N TYR B 45 -21.21 0.95 -10.84
CA TYR B 45 -20.94 1.73 -9.63
C TYR B 45 -22.02 1.52 -8.56
N THR B 46 -21.65 0.83 -7.49
CA THR B 46 -22.58 0.50 -6.42
C THR B 46 -22.34 1.44 -5.25
N GLY B 47 -23.24 2.38 -5.01
CA GLY B 47 -23.09 3.28 -3.89
C GLY B 47 -24.11 2.89 -2.86
N LEU B 48 -25.22 3.64 -2.87
CA LEU B 48 -26.36 3.46 -1.97
C LEU B 48 -27.18 2.21 -2.26
N THR B 49 -27.20 1.73 -3.51
CA THR B 49 -28.02 0.55 -3.82
C THR B 49 -27.61 -0.60 -2.90
N ASP B 50 -28.57 -1.12 -2.17
CA ASP B 50 -28.24 -2.12 -1.14
C ASP B 50 -28.16 -3.58 -1.65
N LEU B 51 -27.21 -3.85 -2.53
CA LEU B 51 -27.08 -5.19 -3.12
C LEU B 51 -26.51 -6.24 -2.18
N PRO B 52 -26.97 -7.50 -2.28
CA PRO B 52 -26.29 -8.52 -1.46
C PRO B 52 -25.02 -9.00 -2.14
N LEU B 53 -24.23 -9.78 -1.39
CA LEU B 53 -23.13 -10.52 -1.97
C LEU B 53 -23.72 -11.55 -2.91
N THR B 54 -23.03 -11.80 -4.02
CA THR B 54 -23.37 -12.95 -4.83
C THR B 54 -23.03 -14.19 -4.03
N PRO B 55 -23.59 -15.36 -4.43
CA PRO B 55 -23.17 -16.63 -3.87
C PRO B 55 -21.66 -16.83 -4.00
N TYR B 56 -21.05 -16.43 -5.10
CA TYR B 56 -19.62 -16.56 -5.19
C TYR B 56 -18.93 -15.66 -4.13
N GLY B 57 -19.40 -14.41 -4.02
CA GLY B 57 -18.84 -13.47 -3.03
C GLY B 57 -18.92 -13.97 -1.59
N GLU B 58 -20.03 -14.60 -1.22
CA GLU B 58 -20.12 -15.24 0.08
C GLU B 58 -19.01 -16.27 0.26
N GLY B 59 -18.85 -17.17 -0.71
CA GLY B 59 -17.80 -18.18 -0.62
C GLY B 59 -16.45 -17.49 -0.48
N GLN B 60 -16.25 -16.45 -1.28
CA GLN B 60 -15.01 -15.73 -1.33
C GLN B 60 -14.65 -15.15 0.04
N MET B 61 -15.61 -14.55 0.71
CA MET B 61 -15.38 -13.91 2.00
C MET B 61 -15.21 -14.91 3.13
N LEU B 62 -15.92 -16.04 3.03
CA LEU B 62 -15.69 -17.20 3.89
C LEU B 62 -14.24 -17.71 3.83
N ARG B 63 -13.71 -17.87 2.61
CA ARG B 63 -12.34 -18.35 2.42
C ARG B 63 -11.31 -17.33 2.93
N THR B 64 -11.65 -16.05 2.75
CA THR B 64 -10.79 -14.97 3.20
C THR B 64 -10.64 -15.03 4.72
N GLY B 65 -11.77 -15.15 5.41
CA GLY B 65 -11.74 -15.31 6.86
C GLY B 65 -10.89 -16.49 7.32
N GLU B 66 -10.96 -17.61 6.62
CA GLU B 66 -10.21 -18.78 7.03
C GLU B 66 -8.72 -18.53 6.82
N SER B 67 -8.37 -17.98 5.64
CA SER B 67 -7.00 -17.64 5.36
C SER B 67 -6.36 -16.75 6.45
N VAL B 68 -7.02 -15.64 6.78
CA VAL B 68 -6.44 -14.67 7.70
C VAL B 68 -6.45 -15.11 9.16
N PHE B 69 -7.42 -15.93 9.59
CA PHE B 69 -7.46 -16.36 10.98
C PHE B 69 -6.88 -17.74 11.24
N ARG B 70 -7.05 -18.67 10.33
CA ARG B 70 -6.76 -20.05 10.72
C ARG B 70 -5.55 -20.59 10.01
N ASN B 71 -5.55 -20.45 8.69
CA ASN B 71 -4.52 -21.04 7.86
C ASN B 71 -3.24 -20.23 7.93
N ASN B 72 -3.37 -18.92 8.13
CA ASN B 72 -2.19 -18.03 8.14
C ASN B 72 -1.99 -17.21 9.39
N GLN B 73 -3.01 -17.11 10.23
CA GLN B 73 -2.98 -16.13 11.31
C GLN B 73 -2.30 -14.82 10.86
N PHE B 74 -2.90 -14.14 9.87
CA PHE B 74 -2.53 -12.76 9.56
C PHE B 74 -3.20 -11.82 10.52
N LEU B 75 -4.24 -12.29 11.18
CA LEU B 75 -4.91 -11.52 12.19
C LEU B 75 -5.11 -12.35 13.41
N ASN B 76 -4.85 -11.76 14.57
CA ASN B 76 -5.14 -12.41 15.84
C ASN B 76 -6.38 -11.81 16.51
N PRO B 77 -7.42 -12.65 16.69
CA PRO B 77 -8.70 -12.16 17.23
C PRO B 77 -8.52 -11.51 18.61
N ASP B 78 -7.69 -12.10 19.47
CA ASP B 78 -7.41 -11.51 20.77
C ASP B 78 -7.02 -10.04 20.67
N ASN B 79 -6.52 -9.59 19.51
CA ASN B 79 -6.09 -8.21 19.37
C ASN B 79 -7.11 -7.25 18.75
N ILE B 80 -8.19 -7.79 18.19
CA ILE B 80 -9.21 -6.96 17.58
C ILE B 80 -10.03 -6.34 18.70
N THR B 81 -10.20 -5.04 18.61
CA THR B 81 -10.94 -4.31 19.62
C THR B 81 -12.24 -3.85 18.99
N TYR B 82 -12.17 -3.22 17.82
CA TYR B 82 -13.36 -2.70 17.19
C TYR B 82 -13.47 -3.05 15.74
N ILE B 83 -14.67 -3.37 15.29
CA ILE B 83 -14.97 -3.49 13.84
C ILE B 83 -15.94 -2.41 13.46
N PHE B 84 -15.51 -1.48 12.58
CA PHE B 84 -16.42 -0.47 11.97
C PHE B 84 -16.86 -0.98 10.62
N THR B 85 -18.16 -0.84 10.33
CA THR B 85 -18.70 -1.25 9.04
C THR B 85 -19.64 -0.23 8.45
N SER B 86 -19.54 -0.03 7.14
CA SER B 86 -20.62 0.64 6.38
C SER B 86 -21.97 0.04 6.77
N PRO B 87 -23.03 0.84 6.68
CA PRO B 87 -24.34 0.28 7.00
C PRO B 87 -24.90 -0.59 5.88
N ARG B 88 -24.28 -0.61 4.71
CA ARG B 88 -24.73 -1.46 3.59
C ARG B 88 -24.71 -2.96 3.92
N LEU B 89 -25.71 -3.65 3.40
CA LEU B 89 -25.87 -5.07 3.61
C LEU B 89 -24.59 -5.82 3.25
N ARG B 90 -23.99 -5.50 2.10
CA ARG B 90 -22.89 -6.28 1.55
C ARG B 90 -21.62 -6.13 2.42
N ALA B 91 -21.44 -4.95 3.00
CA ALA B 91 -20.40 -4.76 4.00
C ALA B 91 -20.73 -5.56 5.26
N ARG B 92 -21.94 -5.43 5.78
CA ARG B 92 -22.33 -6.18 6.99
C ARG B 92 -22.21 -7.70 6.79
N GLN B 93 -22.69 -8.21 5.64
CA GLN B 93 -22.55 -9.64 5.31
C GLN B 93 -21.08 -10.03 5.31
N THR B 94 -20.22 -9.14 4.78
CA THR B 94 -18.80 -9.39 4.72
C THR B 94 -18.18 -9.52 6.11
N VAL B 95 -18.68 -8.73 7.06
CA VAL B 95 -18.22 -8.83 8.43
C VAL B 95 -18.57 -10.22 8.96
N ASP B 96 -19.82 -10.66 8.76
CA ASP B 96 -20.23 -11.96 9.31
C ASP B 96 -19.41 -13.10 8.76
N LEU B 97 -19.28 -13.17 7.44
CA LEU B 97 -18.54 -14.23 6.81
C LEU B 97 -17.04 -14.23 7.19
N VAL B 98 -16.36 -13.09 7.08
CA VAL B 98 -14.95 -12.98 7.48
C VAL B 98 -14.67 -13.35 8.97
N LEU B 99 -15.63 -13.07 9.85
CA LEU B 99 -15.44 -13.38 11.28
C LEU B 99 -15.94 -14.75 11.71
N LYS B 100 -16.51 -15.51 10.76
CA LYS B 100 -17.00 -16.88 11.07
C LYS B 100 -15.97 -17.76 11.82
N PRO B 101 -14.68 -17.71 11.47
CA PRO B 101 -13.74 -18.57 12.22
C PRO B 101 -13.53 -18.29 13.71
N LEU B 102 -14.05 -17.17 14.22
CA LEU B 102 -13.93 -16.84 15.66
C LEU B 102 -14.86 -17.67 16.53
N SER B 103 -14.41 -17.99 17.75
CA SER B 103 -15.30 -18.61 18.75
C SER B 103 -16.24 -17.54 19.31
N ASP B 104 -17.27 -17.97 20.04
CA ASP B 104 -18.20 -17.08 20.72
C ASP B 104 -17.48 -16.19 21.72
N GLU B 105 -16.52 -16.76 22.43
CA GLU B 105 -15.70 -16.03 23.39
C GLU B 105 -14.97 -14.87 22.72
N GLN B 106 -14.28 -15.15 21.62
CA GLN B 106 -13.54 -14.12 20.89
C GLN B 106 -14.46 -13.00 20.36
N ARG B 107 -15.63 -13.39 19.83
CA ARG B 107 -16.66 -12.43 19.36
C ARG B 107 -17.20 -11.50 20.44
N ALA B 108 -17.33 -12.02 21.65
CA ALA B 108 -17.97 -11.32 22.76
C ALA B 108 -17.14 -10.13 23.21
N LYS B 109 -15.86 -10.18 22.92
CA LYS B 109 -14.90 -9.19 23.33
C LYS B 109 -14.65 -8.17 22.22
N ILE B 110 -15.22 -8.37 21.05
CA ILE B 110 -15.04 -7.42 19.94
C ILE B 110 -16.30 -6.56 19.77
N ARG B 111 -16.15 -5.25 19.73
CA ARG B 111 -17.33 -4.41 19.57
C ARG B 111 -17.52 -4.09 18.10
N VAL B 112 -18.77 -4.17 17.64
CA VAL B 112 -19.16 -3.90 16.25
C VAL B 112 -19.97 -2.61 16.11
N VAL B 113 -19.54 -1.71 15.24
CA VAL B 113 -20.19 -0.41 15.16
C VAL B 113 -20.58 -0.10 13.72
N VAL B 114 -21.86 0.17 13.51
CA VAL B 114 -22.33 0.58 12.20
C VAL B 114 -22.12 2.11 12.02
N ASP B 115 -21.31 2.49 11.05
CA ASP B 115 -20.97 3.91 10.87
C ASP B 115 -21.34 4.42 9.46
N ASP B 116 -22.35 5.28 9.39
CA ASP B 116 -22.79 5.86 8.12
C ASP B 116 -21.67 6.69 7.43
N ASP B 117 -20.71 7.20 8.20
CA ASP B 117 -19.56 7.91 7.61
C ASP B 117 -18.69 7.00 6.73
N LEU B 118 -18.91 5.68 6.77
CA LEU B 118 -18.14 4.74 5.97
C LEU B 118 -18.88 4.22 4.73
N ARG B 119 -20.06 4.73 4.44
CA ARG B 119 -20.72 4.38 3.20
C ARG B 119 -19.87 4.79 1.96
N GLU B 120 -20.21 4.19 0.83
CA GLU B 120 -19.50 4.47 -0.40
C GLU B 120 -19.78 5.91 -0.82
N TRP B 121 -18.91 6.44 -1.68
CA TRP B 121 -19.11 7.69 -2.43
C TRP B 121 -20.55 7.69 -2.93
N GLU B 122 -21.29 8.76 -2.66
CA GLU B 122 -22.63 8.84 -3.23
C GLU B 122 -22.51 9.18 -4.70
N TYR B 123 -22.88 8.22 -5.56
CA TYR B 123 -22.75 8.39 -7.02
C TYR B 123 -23.85 9.26 -7.67
N GLY B 124 -24.97 9.44 -6.99
CA GLY B 124 -26.04 10.25 -7.53
C GLY B 124 -26.43 9.72 -8.91
N ASP B 125 -26.32 10.59 -9.91
CA ASP B 125 -26.80 10.30 -11.25
C ASP B 125 -26.09 9.10 -11.81
N TYR B 126 -24.90 8.81 -11.29
CA TYR B 126 -24.10 7.72 -11.86
C TYR B 126 -24.38 6.31 -11.27
N GLU B 127 -25.31 6.22 -10.33
CA GLU B 127 -25.58 4.95 -9.68
C GLU B 127 -25.82 3.84 -10.69
N GLY B 128 -25.10 2.75 -10.52
CA GLY B 128 -25.28 1.55 -11.36
C GLY B 128 -24.77 1.67 -12.79
N MET B 129 -24.07 2.77 -13.07
CA MET B 129 -23.50 2.96 -14.41
C MET B 129 -22.07 2.42 -14.51
N LEU B 130 -21.58 2.26 -15.74
CA LEU B 130 -20.14 1.97 -16.00
C LEU B 130 -19.33 3.25 -16.19
N THR B 131 -18.03 3.17 -15.91
CA THR B 131 -17.14 4.28 -16.15
C THR B 131 -17.40 4.91 -17.52
N ARG B 132 -17.30 4.13 -18.59
CA ARG B 132 -17.46 4.67 -19.95
C ARG B 132 -18.86 5.24 -20.22
N GLU B 133 -19.88 4.70 -19.55
CA GLU B 133 -21.20 5.29 -19.61
C GLU B 133 -21.24 6.65 -18.93
N ILE B 134 -20.54 6.74 -17.80
CA ILE B 134 -20.47 7.99 -17.08
C ILE B 134 -19.82 9.06 -17.95
N ILE B 135 -18.63 8.77 -18.48
CA ILE B 135 -17.97 9.64 -19.49
C ILE B 135 -18.86 10.06 -20.68
N GLU B 136 -19.67 9.12 -21.20
CA GLU B 136 -20.57 9.42 -22.34
C GLU B 136 -21.72 10.35 -21.90
N LEU B 137 -22.20 10.13 -20.68
CA LEU B 137 -23.32 10.89 -20.14
C LEU B 137 -22.91 12.32 -19.93
N ARG B 138 -21.78 12.51 -19.24
CA ARG B 138 -21.13 13.82 -19.01
C ARG B 138 -20.76 14.61 -20.26
N LYS B 139 -20.14 13.94 -21.22
CA LYS B 139 -19.86 14.55 -22.53
C LYS B 139 -21.14 15.09 -23.15
N SER B 140 -22.25 14.40 -22.93
CA SER B 140 -23.51 14.81 -23.56
C SER B 140 -24.14 16.00 -22.82
N ARG B 141 -23.76 16.19 -21.56
CA ARG B 141 -24.19 17.34 -20.77
C ARG B 141 -23.23 18.49 -20.99
N GLY B 142 -22.22 18.27 -21.83
CA GLY B 142 -21.31 19.35 -22.24
C GLY B 142 -20.19 19.63 -21.25
N LEU B 143 -19.93 18.68 -20.35
CA LEU B 143 -18.88 18.81 -19.35
C LEU B 143 -17.57 18.15 -19.85
N ASP B 144 -16.48 18.32 -19.10
CA ASP B 144 -15.24 17.64 -19.40
C ASP B 144 -14.67 18.04 -20.76
N LYS B 145 -14.90 19.28 -21.18
CA LYS B 145 -14.33 19.76 -22.45
C LYS B 145 -12.83 20.03 -22.36
N GLU B 146 -12.35 20.49 -21.21
CA GLU B 146 -10.94 20.85 -21.07
C GLU B 146 -10.06 19.65 -20.62
N ARG B 147 -10.64 18.69 -19.91
CA ARG B 147 -9.91 17.53 -19.38
C ARG B 147 -10.89 16.42 -18.99
N PRO B 148 -10.42 15.16 -18.88
CA PRO B 148 -11.36 14.09 -18.50
C PRO B 148 -11.90 14.17 -17.06
N TRP B 149 -13.12 13.67 -16.89
CA TRP B 149 -13.73 13.55 -15.58
C TRP B 149 -12.81 12.75 -14.66
N ASN B 150 -12.73 13.15 -13.39
CA ASN B 150 -11.85 12.52 -12.43
C ASN B 150 -12.60 12.60 -11.11
N ILE B 151 -13.21 11.48 -10.73
CA ILE B 151 -14.10 11.40 -9.58
C ILE B 151 -13.48 12.04 -8.36
N TRP B 152 -12.19 11.74 -8.14
CA TRP B 152 -11.38 12.23 -6.99
C TRP B 152 -11.24 13.76 -6.90
N ARG B 153 -11.41 14.44 -8.04
CA ARG B 153 -11.42 15.88 -8.10
C ARG B 153 -12.84 16.39 -8.21
N ASP B 154 -13.62 15.80 -9.12
CA ASP B 154 -14.92 16.36 -9.54
C ASP B 154 -16.17 15.90 -8.77
N GLY B 155 -16.12 14.74 -8.12
CA GLY B 155 -17.32 14.10 -7.55
C GLY B 155 -18.31 13.66 -8.63
N CYS B 156 -19.58 13.55 -8.24
CA CYS B 156 -20.67 13.08 -9.10
C CYS B 156 -21.83 14.07 -9.11
N GLU B 157 -22.36 14.41 -10.29
CA GLU B 157 -23.59 15.21 -10.38
C GLU B 157 -24.65 14.58 -9.49
N ASN B 158 -25.28 15.39 -8.64
CA ASN B 158 -26.31 14.95 -7.66
C ASN B 158 -25.85 13.93 -6.62
N GLY B 159 -24.54 13.74 -6.51
CA GLY B 159 -23.97 12.91 -5.46
C GLY B 159 -23.01 13.76 -4.65
N GLU B 160 -22.01 13.11 -4.07
CA GLU B 160 -21.01 13.78 -3.23
C GLU B 160 -19.86 14.40 -4.02
N THR B 161 -19.45 15.61 -3.60
CA THR B 161 -18.16 16.17 -4.03
C THR B 161 -17.03 15.43 -3.30
N THR B 162 -15.79 15.66 -3.72
CA THR B 162 -14.64 15.06 -3.05
C THR B 162 -14.44 15.58 -1.61
N GLN B 163 -14.74 16.86 -1.39
N GLN B 163 -14.71 16.87 -1.43
CA GLN B 163 -14.69 17.45 -0.06
CA GLN B 163 -14.73 17.50 -0.12
C GLN B 163 -15.70 16.82 0.89
C GLN B 163 -15.64 16.72 0.83
N GLN B 164 -16.87 16.45 0.38
CA GLN B 164 -17.87 15.76 1.22
C GLN B 164 -17.42 14.38 1.66
N ILE B 165 -16.92 13.57 0.75
CA ILE B 165 -16.45 12.25 1.17
C ILE B 165 -15.17 12.36 2.07
N GLY B 166 -14.23 13.22 1.67
CA GLY B 166 -13.00 13.47 2.45
C GLY B 166 -13.30 13.87 3.90
N LEU B 167 -14.24 14.81 4.07
CA LEU B 167 -14.72 15.22 5.39
C LEU B 167 -15.26 14.06 6.25
N ARG B 168 -16.22 13.29 5.73
CA ARG B 168 -16.76 12.21 6.51
C ARG B 168 -15.77 11.08 6.82
N LEU B 169 -14.86 10.79 5.89
CA LEU B 169 -13.83 9.75 6.16
C LEU B 169 -12.79 10.25 7.21
N SER B 170 -12.49 11.56 7.15
CA SER B 170 -11.64 12.19 8.17
C SER B 170 -12.20 12.05 9.56
N ARG B 171 -13.52 12.22 9.72
CA ARG B 171 -14.15 12.10 11.04
C ARG B 171 -14.02 10.68 11.56
N ALA B 172 -14.25 9.68 10.70
CA ALA B 172 -14.09 8.27 11.11
C ALA B 172 -12.60 7.94 11.47
N ILE B 173 -11.68 8.50 10.67
CA ILE B 173 -10.25 8.26 10.86
C ILE B 173 -9.83 8.81 12.24
N ALA B 174 -10.32 10.03 12.53
CA ALA B 174 -10.06 10.67 13.80
C ALA B 174 -10.61 9.83 14.94
N ARG B 175 -11.75 9.19 14.73
CA ARG B 175 -12.32 8.40 15.80
C ARG B 175 -11.47 7.15 16.02
N ILE B 176 -10.99 6.57 14.92
CA ILE B 176 -10.25 5.33 14.97
C ILE B 176 -8.88 5.61 15.57
N GLN B 177 -8.22 6.67 15.12
CA GLN B 177 -6.91 7.01 15.66
C GLN B 177 -6.96 7.40 17.13
N ASN B 178 -8.06 8.02 17.55
CA ASN B 178 -8.29 8.33 18.96
C ASN B 178 -8.47 7.05 19.83
N LEU B 179 -9.20 6.06 19.31
CA LEU B 179 -9.27 4.80 20.03
C LEU B 179 -7.91 4.13 20.12
N HIS B 180 -7.12 4.26 19.05
CA HIS B 180 -5.79 3.65 18.95
C HIS B 180 -4.90 4.22 20.03
N ARG B 181 -4.90 5.54 20.12
CA ARG B 181 -4.12 6.24 21.13
C ARG B 181 -4.58 5.92 22.56
N LYS B 182 -5.89 5.87 22.79
N LYS B 182 -5.90 5.87 22.78
CA LYS B 182 -6.44 5.46 24.08
CA LYS B 182 -6.47 5.46 24.07
C LYS B 182 -5.99 4.04 24.44
C LYS B 182 -5.99 4.05 24.44
N HIS B 183 -6.08 3.12 23.48
CA HIS B 183 -5.63 1.72 23.72
C HIS B 183 -4.14 1.54 24.00
N GLN B 184 -3.30 2.06 23.10
CA GLN B 184 -1.87 2.07 23.33
C GLN B 184 -1.56 2.66 24.70
N SER B 185 -2.26 3.72 25.12
CA SER B 185 -1.96 4.26 26.46
C SER B 185 -2.55 3.42 27.62
N GLU B 186 -3.47 2.50 27.31
CA GLU B 186 -3.93 1.47 28.29
C GLU B 186 -3.07 0.20 28.27
N GLY B 187 -2.04 0.18 27.43
CA GLY B 187 -1.15 -0.96 27.28
C GLY B 187 -1.67 -2.15 26.47
N ARG B 188 -2.72 -1.96 25.65
CA ARG B 188 -3.24 -3.08 24.82
C ARG B 188 -2.87 -2.94 23.35
N ALA B 189 -2.74 -4.09 22.68
CA ALA B 189 -2.80 -4.12 21.22
C ALA B 189 -4.18 -3.60 20.78
N SER B 190 -4.25 -3.01 19.60
CA SER B 190 -5.50 -2.65 18.97
C SER B 190 -5.49 -2.74 17.42
N ASP B 191 -6.04 -3.84 16.90
CA ASP B 191 -6.46 -3.94 15.53
C ASP B 191 -7.90 -3.53 15.48
N ILE B 192 -8.18 -2.57 14.60
CA ILE B 192 -9.52 -2.06 14.38
C ILE B 192 -9.81 -2.29 12.91
N MET B 193 -10.93 -2.94 12.62
CA MET B 193 -11.26 -3.28 11.26
C MET B 193 -12.26 -2.31 10.64
N VAL B 194 -12.10 -2.04 9.38
CA VAL B 194 -13.04 -1.17 8.76
C VAL B 194 -13.55 -1.86 7.53
N PHE B 195 -14.82 -2.26 7.53
CA PHE B 195 -15.39 -2.87 6.33
C PHE B 195 -16.19 -1.86 5.53
N ALA B 196 -15.79 -1.60 4.30
CA ALA B 196 -16.51 -0.61 3.52
C ALA B 196 -16.44 -0.93 2.02
N HIS B 197 -16.09 0.07 1.22
CA HIS B 197 -16.28 -0.01 -0.21
C HIS B 197 -15.06 0.42 -0.97
N GLY B 198 -15.10 0.22 -2.28
CA GLY B 198 -13.93 0.35 -3.12
C GLY B 198 -13.41 1.76 -3.24
N HIS B 199 -14.31 2.73 -3.43
CA HIS B 199 -13.85 4.12 -3.46
C HIS B 199 -13.54 4.60 -2.03
N ALA B 200 -14.53 4.56 -1.15
CA ALA B 200 -14.37 4.96 0.23
C ALA B 200 -13.05 4.48 0.86
N LEU B 201 -12.70 3.20 0.67
CA LEU B 201 -11.52 2.64 1.32
C LEU B 201 -10.22 3.07 0.69
N ARG B 202 -10.19 3.23 -0.63
CA ARG B 202 -8.98 3.76 -1.27
C ARG B 202 -8.78 5.19 -0.82
N TYR B 203 -9.89 5.91 -0.74
CA TYR B 203 -9.87 7.28 -0.30
C TYR B 203 -9.33 7.35 1.16
N PHE B 204 -9.93 6.51 2.02
CA PHE B 204 -9.61 6.35 3.43
C PHE B 204 -8.12 6.08 3.61
N ALA B 205 -7.60 5.13 2.84
CA ALA B 205 -6.18 4.82 2.88
C ALA B 205 -5.33 6.01 2.43
N ALA B 206 -5.74 6.69 1.35
CA ALA B 206 -5.00 7.82 0.84
C ALA B 206 -4.78 8.91 1.89
N ILE B 207 -5.85 9.36 2.54
CA ILE B 207 -5.73 10.43 3.52
C ILE B 207 -5.10 9.96 4.83
N TRP B 208 -5.36 8.70 5.21
CA TRP B 208 -4.70 8.12 6.38
C TRP B 208 -3.22 8.50 6.46
N PHE B 209 -2.49 8.28 5.36
CA PHE B 209 -1.06 8.45 5.39
C PHE B 209 -0.57 9.75 4.77
N GLY B 210 -1.49 10.67 4.49
CA GLY B 210 -1.13 12.07 4.25
C GLY B 210 -1.34 12.59 2.86
N LEU B 211 -1.95 11.80 1.97
CA LEU B 211 -2.24 12.32 0.63
C LEU B 211 -3.25 13.49 0.64
N GLY B 212 -3.39 14.17 -0.48
CA GLY B 212 -4.40 15.22 -0.62
C GLY B 212 -4.05 16.52 0.09
N VAL B 213 -5.05 17.31 0.45
CA VAL B 213 -4.81 18.61 1.04
C VAL B 213 -5.51 18.77 2.38
N GLN B 214 -4.95 19.62 3.22
CA GLN B 214 -5.52 20.00 4.50
C GLN B 214 -6.45 21.21 4.36
N LYS B 215 -7.64 21.10 4.94
CA LYS B 215 -8.69 22.12 4.83
C LYS B 215 -9.28 22.37 6.22
N LYS B 216 -9.27 23.64 6.61
CA LYS B 216 -9.80 24.06 7.88
C LYS B 216 -11.31 23.82 7.84
N CYS B 217 -11.89 23.35 8.95
CA CYS B 217 -13.36 23.26 9.05
C CYS B 217 -13.95 24.65 9.30
N GLU B 218 -14.75 25.13 8.36
CA GLU B 218 -15.27 26.49 8.43
C GLU B 218 -16.74 26.66 8.08
N THR B 219 -17.18 26.03 7.01
CA THR B 219 -18.59 26.14 6.58
C THR B 219 -19.52 25.38 7.52
N ILE B 220 -20.83 25.62 7.39
CA ILE B 220 -21.77 24.91 8.24
C ILE B 220 -21.63 23.39 8.13
N GLU B 221 -21.60 22.87 6.90
CA GLU B 221 -21.39 21.43 6.65
C GLU B 221 -20.17 20.87 7.40
N GLU B 222 -19.06 21.59 7.29
CA GLU B 222 -17.76 21.17 7.84
C GLU B 222 -17.68 21.09 9.38
N ILE B 223 -18.55 21.80 10.07
CA ILE B 223 -18.45 21.93 11.52
C ILE B 223 -19.38 20.99 12.27
N GLN B 224 -20.59 20.80 11.75
CA GLN B 224 -21.64 20.10 12.49
C GLN B 224 -21.33 18.65 12.88
N ASN B 225 -21.80 18.23 14.06
N ASN B 225 -21.83 18.24 14.04
CA ASN B 225 -21.86 16.82 14.45
CA ASN B 225 -21.85 16.85 14.45
C ASN B 225 -22.92 16.18 13.58
C ASN B 225 -22.93 16.14 13.64
N VAL B 226 -22.57 15.12 12.86
CA VAL B 226 -23.57 14.50 12.01
C VAL B 226 -24.40 13.37 12.66
N LYS B 227 -23.84 12.72 13.68
CA LYS B 227 -24.46 11.55 14.38
C LYS B 227 -24.65 10.38 13.41
N SER B 228 -23.54 9.82 12.96
CA SER B 228 -23.55 8.85 11.87
C SER B 228 -23.40 7.41 12.36
N TYR B 229 -23.16 7.26 13.66
CA TYR B 229 -23.02 5.97 14.30
C TYR B 229 -23.65 6.15 15.66
N ASP B 230 -24.03 5.05 16.31
CA ASP B 230 -24.59 5.15 17.64
C ASP B 230 -23.93 4.12 18.51
N ASP B 231 -22.91 4.55 19.26
CA ASP B 231 -22.19 3.67 20.19
C ASP B 231 -21.32 4.48 21.14
N ASP B 232 -21.80 4.60 22.36
CA ASP B 232 -21.24 5.47 23.36
C ASP B 232 -19.80 5.16 23.73
N THR B 233 -19.30 3.95 23.46
CA THR B 233 -17.88 3.64 23.73
C THR B 233 -16.90 4.24 22.68
N VAL B 234 -17.41 4.81 21.61
CA VAL B 234 -16.58 5.50 20.62
C VAL B 234 -16.71 7.04 20.77
N PRO B 235 -15.77 7.67 21.47
CA PRO B 235 -15.82 9.12 21.60
C PRO B 235 -15.87 9.77 20.20
N TYR B 236 -16.79 10.73 20.07
CA TYR B 236 -16.82 11.60 18.90
C TYR B 236 -15.61 12.54 19.00
N VAL B 237 -14.94 12.74 17.88
CA VAL B 237 -13.86 13.70 17.79
C VAL B 237 -14.30 14.84 16.86
N LYS B 238 -14.29 16.07 17.37
CA LYS B 238 -14.70 17.23 16.58
C LYS B 238 -13.49 17.80 15.87
N LEU B 239 -13.46 17.67 14.53
CA LEU B 239 -12.35 18.14 13.71
C LEU B 239 -12.16 19.67 13.65
N GLU B 240 -10.94 20.14 13.86
CA GLU B 240 -10.55 21.53 13.55
C GLU B 240 -10.33 21.68 12.03
N SER B 241 -9.81 20.62 11.44
CA SER B 241 -9.56 20.58 10.01
C SER B 241 -9.68 19.14 9.53
N TYR B 242 -9.74 18.96 8.20
CA TYR B 242 -9.86 17.64 7.58
C TYR B 242 -9.00 17.54 6.29
N ARG B 243 -8.79 16.33 5.76
CA ARG B 243 -8.12 16.11 4.50
C ARG B 243 -9.11 15.64 3.44
N HIS B 244 -8.89 16.05 2.20
CA HIS B 244 -9.59 15.45 1.06
C HIS B 244 -8.66 15.35 -0.16
N LEU B 245 -9.02 14.50 -1.10
CA LEU B 245 -8.23 14.36 -2.33
C LEU B 245 -8.58 15.40 -3.39
N VAL B 246 -7.63 15.69 -4.27
CA VAL B 246 -7.92 16.47 -5.46
C VAL B 246 -7.57 15.70 -6.73
N ASP B 247 -7.03 14.49 -6.59
CA ASP B 247 -6.57 13.68 -7.73
C ASP B 247 -6.60 12.18 -7.36
N ASN B 248 -6.44 11.32 -8.36
CA ASN B 248 -6.48 9.86 -8.17
C ASN B 248 -5.31 9.39 -7.30
N PRO B 249 -5.57 8.65 -6.23
CA PRO B 249 -4.35 8.25 -5.53
C PRO B 249 -3.67 7.01 -6.15
N CYS B 250 -4.34 6.34 -7.10
CA CYS B 250 -3.79 5.20 -7.87
C CYS B 250 -3.58 3.99 -7.05
N PHE B 251 -4.62 3.61 -6.33
CA PHE B 251 -4.62 2.42 -5.53
C PHE B 251 -5.45 1.36 -6.22
N LEU B 252 -5.05 0.10 -6.06
CA LEU B 252 -5.90 -1.05 -6.39
C LEU B 252 -6.38 -1.63 -5.11
N LEU B 253 -7.68 -1.94 -5.09
CA LEU B 253 -8.29 -2.75 -4.02
C LEU B 253 -9.48 -3.49 -4.59
N ASP B 254 -9.29 -4.79 -4.76
CA ASP B 254 -10.37 -5.63 -5.21
C ASP B 254 -11.46 -5.89 -4.20
N ALA B 255 -12.62 -6.33 -4.72
CA ALA B 255 -13.70 -6.85 -3.90
C ALA B 255 -13.13 -7.87 -2.93
N GLY B 256 -13.43 -7.69 -1.64
CA GLY B 256 -12.90 -8.55 -0.60
C GLY B 256 -11.42 -8.44 -0.31
N GLY B 257 -10.75 -7.45 -0.90
CA GLY B 257 -9.34 -7.16 -0.63
C GLY B 257 -9.13 -6.57 0.76
N ILE B 258 -7.93 -6.77 1.28
CA ILE B 258 -7.60 -6.37 2.63
C ILE B 258 -6.36 -5.51 2.59
N GLY B 259 -6.42 -4.35 3.23
CA GLY B 259 -5.26 -3.45 3.31
C GLY B 259 -5.00 -3.20 4.77
N VAL B 260 -3.85 -2.61 5.07
CA VAL B 260 -3.43 -2.42 6.46
C VAL B 260 -2.83 -1.03 6.61
N LEU B 261 -3.41 -0.28 7.55
CA LEU B 261 -2.91 1.05 7.89
C LEU B 261 -2.42 1.07 9.34
N SER B 262 -1.30 1.74 9.57
CA SER B 262 -0.72 1.73 10.89
C SER B 262 0.04 3.02 11.11
N TYR B 263 1.16 2.90 11.82
CA TYR B 263 1.94 4.02 12.31
C TYR B 263 3.43 3.65 12.31
N ALA B 264 4.31 4.60 12.01
CA ALA B 264 5.76 4.42 12.18
C ALA B 264 6.19 4.65 13.63
N HIS B 265 7.20 3.93 14.11
CA HIS B 265 7.76 4.14 15.47
C HIS B 265 6.75 4.22 16.61
N HIS B 266 5.69 3.41 16.55
CA HIS B 266 4.75 3.27 17.68
C HIS B 266 4.09 4.61 17.98
N ASN B 267 4.05 5.49 16.98
CA ASN B 267 3.60 6.84 17.22
C ASN B 267 2.34 7.24 16.42
N ILE B 268 1.23 7.45 17.14
CA ILE B 268 -0.05 7.73 16.48
C ILE B 268 0.00 9.01 15.63
N ASP B 269 1.00 9.84 15.89
CA ASP B 269 1.18 11.08 15.10
C ASP B 269 1.91 10.87 13.79
N GLU B 270 2.33 9.61 13.52
CA GLU B 270 3.04 9.25 12.29
C GLU B 270 2.30 8.16 11.54
N PRO B 271 1.03 8.43 11.12
CA PRO B 271 0.30 7.35 10.45
C PRO B 271 0.99 6.97 9.14
N ALA B 272 0.97 5.68 8.82
CA ALA B 272 1.70 5.14 7.69
C ALA B 272 0.90 4.04 6.99
N LEU B 273 1.21 3.83 5.71
CA LEU B 273 0.61 2.74 4.95
C LEU B 273 1.49 1.47 5.01
N GLU B 274 0.92 0.33 5.40
CA GLU B 274 1.68 -0.92 5.40
C GLU B 274 1.76 -1.48 3.98
N LEU B 275 2.96 -1.47 3.39
CA LEU B 275 3.11 -2.00 2.04
C LEU B 275 2.80 -3.50 1.87
N ALA B 276 2.93 -4.28 2.95
CA ALA B 276 2.66 -5.74 2.91
C ALA B 276 1.16 -6.11 3.03
N GLY B 277 0.29 -5.10 2.98
CA GLY B 277 -1.10 -5.30 3.35
C GLY B 277 -1.09 -6.17 4.60
N PRO B 278 -1.87 -7.27 4.60
CA PRO B 278 -1.95 -8.03 5.83
C PRO B 278 -0.89 -9.13 5.96
N PHE B 279 -0.04 -9.28 4.96
CA PHE B 279 0.95 -10.35 4.97
C PHE B 279 2.04 -10.11 6.02
N VAL B 280 2.39 -11.17 6.74
CA VAL B 280 3.59 -11.18 7.59
C VAL B 280 4.18 -12.57 7.45
N SER B 281 5.52 -12.65 7.47
CA SER B 281 6.19 -13.94 7.40
C SER B 281 5.77 -14.81 8.56
N PRO B 282 5.58 -16.13 8.32
CA PRO B 282 5.18 -17.05 9.39
C PRO B 282 6.20 -17.05 10.54
N PRO B 283 5.72 -16.99 11.78
CA PRO B 283 6.56 -17.10 12.98
C PRO B 283 7.46 -18.32 13.00
N GLU B 284 8.59 -18.17 13.70
CA GLU B 284 9.45 -19.30 14.00
C GLU B 284 8.74 -20.31 14.90
#